data_3U2R
#
_entry.id   3U2R
#
_cell.length_a   64.970
_cell.length_b   64.970
_cell.length_c   87.260
_cell.angle_alpha   90.00
_cell.angle_beta   90.00
_cell.angle_gamma   90.00
#
_symmetry.space_group_name_H-M   'P 42 21 2'
#
loop_
_entity.id
_entity.type
_entity.pdbx_description
1 polymer 'Regulatory protein MarR'
2 water water
#
_entity_poly.entity_id   1
_entity_poly.type   'polypeptide(L)'
_entity_poly.pdbx_seq_one_letter_code
;SNA(MSE)NERSRPLRFDSLTQEAYLQLWRTYDR(MSE)KAIEEEIFSQFELSAQQYNTLRLLRSVHPEG(MSE)ATLQI
ADRLISRAPDITRLIDRLDDRGLVLRTRKPENRRVVEVALTDAGLKLLKDLEEPVRQCHERQLGHLAADELHELIRL
(MSE)ELARTPHEEPGSRWIADRSRPS
;
_entity_poly.pdbx_strand_id   A
#
# COMPACT_ATOMS: atom_id res chain seq x y z
N ARG A 12 5.47 17.78 -1.56
CA ARG A 12 4.11 18.20 -1.92
C ARG A 12 3.98 18.67 -3.40
N PHE A 13 2.75 18.69 -3.89
CA PHE A 13 2.49 19.02 -5.30
C PHE A 13 2.34 20.54 -5.54
N ASP A 14 3.36 21.13 -6.22
CA ASP A 14 3.45 22.56 -6.57
C ASP A 14 2.38 22.89 -7.65
N SER A 15 2.16 24.17 -7.96
CA SER A 15 1.07 24.59 -8.80
C SER A 15 1.05 23.97 -10.20
N LEU A 16 -0.07 23.34 -10.44
CA LEU A 16 -0.49 22.80 -11.69
C LEU A 16 -1.64 23.65 -12.17
N THR A 17 -1.94 23.66 -13.43
CA THR A 17 -3.20 24.28 -13.88
C THR A 17 -4.32 23.46 -13.27
N GLN A 18 -5.50 24.04 -13.09
CA GLN A 18 -6.64 23.31 -12.51
C GLN A 18 -6.89 22.00 -13.21
N GLU A 19 -6.85 22.05 -14.55
CA GLU A 19 -7.05 20.86 -15.41
C GLU A 19 -5.99 19.78 -15.15
N ALA A 20 -4.71 20.13 -15.06
CA ALA A 20 -3.69 19.13 -14.76
C ALA A 20 -3.88 18.56 -13.35
N TYR A 21 -4.27 19.43 -12.39
CA TYR A 21 -4.54 19.04 -11.00
C TYR A 21 -5.70 18.03 -10.90
N LEU A 22 -6.80 18.26 -11.64
CA LEU A 22 -7.92 17.29 -11.69
C LEU A 22 -7.50 16.04 -12.37
N GLN A 23 -6.63 16.13 -13.40
CA GLN A 23 -6.17 14.91 -13.99
C GLN A 23 -5.32 14.10 -13.02
N LEU A 24 -4.48 14.75 -12.18
CA LEU A 24 -3.62 14.06 -11.20
C LEU A 24 -4.46 13.34 -10.15
N TRP A 25 -5.54 14.00 -9.73
CA TRP A 25 -6.48 13.35 -8.82
C TRP A 25 -7.18 12.21 -9.50
N ARG A 26 -7.63 12.31 -10.80
CA ARG A 26 -8.20 11.16 -11.50
C ARG A 26 -7.21 9.98 -11.57
N THR A 27 -5.92 10.25 -11.73
CA THR A 27 -4.85 9.22 -11.76
C THR A 27 -4.83 8.52 -10.44
N TYR A 28 -4.85 9.28 -9.37
CA TYR A 28 -4.86 8.72 -8.00
C TYR A 28 -6.11 7.90 -7.79
N ASP A 29 -7.28 8.47 -8.12
CA ASP A 29 -8.55 7.76 -7.86
C ASP A 29 -8.63 6.41 -8.62
N ARG A 30 -8.11 6.38 -9.82
CA ARG A 30 -8.19 5.16 -10.61
C ARG A 30 -7.27 4.10 -10.04
N LYS A 32 -6.03 3.94 -7.00
CA LYS A 32 -6.51 3.58 -5.65
C LYS A 32 -7.66 2.60 -5.71
N ALA A 33 -8.62 2.85 -6.63
CA ALA A 33 -9.76 1.92 -6.70
C ALA A 33 -9.35 0.48 -7.14
N ILE A 34 -8.38 0.36 -8.04
CA ILE A 34 -7.97 -0.94 -8.60
C ILE A 34 -7.24 -1.72 -7.49
N GLU A 35 -6.40 -1.06 -6.72
CA GLU A 35 -5.70 -1.68 -5.57
C GLU A 35 -6.67 -2.11 -4.49
N GLU A 36 -7.62 -1.23 -4.18
CA GLU A 36 -8.61 -1.55 -3.15
C GLU A 36 -9.35 -2.83 -3.56
N GLU A 37 -9.74 -2.95 -4.83
CA GLU A 37 -10.46 -4.14 -5.24
C GLU A 37 -9.61 -5.41 -5.16
N ILE A 38 -8.33 -5.36 -5.47
CA ILE A 38 -7.53 -6.57 -5.38
C ILE A 38 -7.18 -6.84 -3.92
N PHE A 39 -6.82 -5.81 -3.13
CA PHE A 39 -6.43 -6.06 -1.76
C PHE A 39 -7.64 -6.50 -0.92
N SER A 40 -8.84 -6.00 -1.20
CA SER A 40 -10.06 -6.44 -0.49
C SER A 40 -10.24 -7.99 -0.48
N GLN A 41 -9.78 -8.66 -1.56
CA GLN A 41 -9.89 -10.13 -1.71
C GLN A 41 -9.03 -10.87 -0.75
N PHE A 42 -7.96 -10.26 -0.24
CA PHE A 42 -7.10 -10.87 0.75
C PHE A 42 -7.34 -10.27 2.16
N GLU A 43 -8.43 -9.48 2.30
CA GLU A 43 -8.81 -8.76 3.47
C GLU A 43 -7.66 -7.84 3.95
N LEU A 44 -7.08 -7.12 3.00
CA LEU A 44 -6.02 -6.16 3.26
C LEU A 44 -6.32 -4.84 2.65
N SER A 45 -5.60 -3.83 3.09
CA SER A 45 -5.51 -2.50 2.53
C SER A 45 -4.15 -2.38 1.95
N ALA A 46 -3.97 -1.38 1.11
CA ALA A 46 -2.68 -1.12 0.49
C ALA A 46 -1.66 -0.74 1.57
N GLN A 47 -2.10 -0.05 2.65
CA GLN A 47 -1.19 0.35 3.73
C GLN A 47 -0.70 -0.88 4.48
N GLN A 48 -1.57 -1.92 4.60
CA GLN A 48 -1.16 -3.21 5.21
C GLN A 48 -0.20 -3.95 4.30
N TYR A 49 -0.42 -3.92 2.98
CA TYR A 49 0.52 -4.53 2.03
C TYR A 49 1.88 -3.83 2.13
N ASN A 50 1.85 -2.46 2.20
CA ASN A 50 3.03 -1.61 2.29
C ASN A 50 3.81 -1.89 3.60
N THR A 51 3.12 -2.15 4.69
CA THR A 51 3.75 -2.59 5.95
C THR A 51 4.39 -3.97 5.79
N LEU A 52 3.64 -4.93 5.24
CA LEU A 52 4.23 -6.23 5.06
C LEU A 52 5.46 -6.18 4.16
N ARG A 53 5.44 -5.42 3.05
CA ARG A 53 6.60 -5.30 2.14
C ARG A 53 7.79 -4.67 2.83
N LEU A 54 7.52 -3.66 3.64
CA LEU A 54 8.57 -2.97 4.41
C LEU A 54 9.18 -3.97 5.42
N LEU A 55 8.34 -4.82 6.05
CA LEU A 55 8.90 -5.78 7.00
C LEU A 55 9.69 -6.88 6.29
N ARG A 56 9.36 -7.20 5.05
CA ARG A 56 10.12 -8.19 4.27
C ARG A 56 11.53 -7.70 4.00
N SER A 57 11.72 -6.37 3.77
CA SER A 57 13.03 -5.80 3.46
C SER A 57 14.04 -5.92 4.60
N VAL A 58 13.57 -6.13 5.84
CA VAL A 58 14.46 -6.31 7.01
C VAL A 58 14.34 -7.75 7.60
N HIS A 59 13.32 -8.57 7.19
CA HIS A 59 13.13 -9.97 7.67
C HIS A 59 14.49 -10.69 7.66
N PRO A 60 14.86 -11.44 8.69
CA PRO A 60 14.10 -11.83 9.89
C PRO A 60 14.09 -10.79 11.01
N GLU A 61 14.73 -9.61 10.81
CA GLU A 61 14.68 -8.60 11.86
C GLU A 61 13.36 -7.88 11.85
N GLY A 62 12.99 -7.32 12.99
CA GLY A 62 11.78 -6.55 13.16
C GLY A 62 12.09 -5.08 13.00
N ALA A 64 10.71 -1.16 14.68
CA ALA A 64 9.94 -0.40 15.67
C ALA A 64 8.74 0.18 15.03
N THR A 65 7.59 0.11 15.74
CA THR A 65 6.31 0.65 15.25
C THR A 65 6.48 2.13 14.78
N LEU A 66 7.19 2.97 15.53
CA LEU A 66 7.43 4.36 15.14
C LEU A 66 8.22 4.47 13.83
N GLN A 67 9.25 3.59 13.63
CA GLN A 67 10.06 3.62 12.41
C GLN A 67 9.23 3.14 11.20
N ILE A 68 8.29 2.19 11.42
CA ILE A 68 7.36 1.74 10.36
C ILE A 68 6.56 2.97 9.91
N ALA A 69 5.94 3.67 10.86
CA ALA A 69 5.13 4.84 10.57
C ALA A 69 5.97 5.91 9.84
N ASP A 70 7.20 6.17 10.34
CA ASP A 70 8.09 7.14 9.71
C ASP A 70 8.44 6.74 8.24
N ARG A 71 8.72 5.44 7.96
CA ARG A 71 9.09 4.98 6.61
C ARG A 71 7.89 4.95 5.64
N LEU A 72 6.68 4.70 6.17
CA LEU A 72 5.45 4.71 5.39
C LEU A 72 5.11 6.12 5.03
N ALA A 76 0.59 7.60 11.99
CA ALA A 76 1.34 6.86 13.00
C ALA A 76 0.43 6.15 14.04
N PRO A 77 -0.57 6.80 14.69
CA PRO A 77 -1.39 6.04 15.67
C PRO A 77 -2.34 5.03 15.01
N ASP A 78 -2.73 5.29 13.73
CA ASP A 78 -3.60 4.38 12.97
C ASP A 78 -2.80 3.12 12.49
N ILE A 79 -1.43 3.10 12.59
CA ILE A 79 -0.69 1.93 12.15
C ILE A 79 -0.73 0.84 13.24
N THR A 80 -1.11 1.15 14.50
CA THR A 80 -1.19 0.13 15.56
C THR A 80 -2.44 -0.72 15.35
N ARG A 81 -3.59 -0.13 14.99
CA ARG A 81 -4.80 -0.92 14.71
C ARG A 81 -4.56 -1.81 13.46
N LEU A 82 -4.00 -1.18 12.45
CA LEU A 82 -3.56 -1.78 11.19
C LEU A 82 -2.69 -3.03 11.49
N ILE A 83 -1.67 -2.88 12.35
CA ILE A 83 -0.75 -3.95 12.71
C ILE A 83 -1.47 -4.99 13.57
N ASP A 84 -2.40 -4.56 14.47
CA ASP A 84 -3.23 -5.46 15.30
C ASP A 84 -3.91 -6.48 14.42
N ARG A 85 -4.51 -6.04 13.30
CA ARG A 85 -5.19 -6.94 12.36
C ARG A 85 -4.19 -7.92 11.78
N LEU A 86 -3.02 -7.42 11.37
CA LEU A 86 -1.95 -8.30 10.85
C LEU A 86 -1.45 -9.30 11.91
N ASP A 87 -1.31 -8.87 13.14
CA ASP A 87 -0.95 -9.77 14.31
C ASP A 87 -2.03 -10.79 14.55
N ASP A 88 -3.32 -10.40 14.49
CA ASP A 88 -4.37 -11.37 14.75
C ASP A 88 -4.39 -12.45 13.70
N ARG A 89 -4.05 -12.08 12.45
CA ARG A 89 -3.97 -13.02 11.34
C ARG A 89 -2.67 -13.89 11.36
N GLY A 90 -1.78 -13.70 12.33
CA GLY A 90 -0.52 -14.46 12.41
C GLY A 90 0.44 -14.03 11.30
N LEU A 91 0.25 -12.83 10.72
CA LEU A 91 1.09 -12.42 9.58
C LEU A 91 2.35 -11.67 10.04
N VAL A 92 2.33 -11.12 11.26
CA VAL A 92 3.44 -10.40 11.87
C VAL A 92 3.58 -10.83 13.32
N LEU A 93 4.76 -10.68 13.91
CA LEU A 93 5.03 -11.04 15.31
C LEU A 93 5.53 -9.79 16.06
N ARG A 94 4.88 -9.45 17.15
CA ARG A 94 5.29 -8.30 17.96
C ARG A 94 6.23 -8.71 19.07
N THR A 95 7.22 -7.86 19.32
CA THR A 95 8.16 -8.08 20.44
C THR A 95 8.31 -6.75 21.16
N ARG A 96 7.91 -6.70 22.44
CA ARG A 96 8.04 -5.47 23.24
C ARG A 96 9.50 -5.42 23.71
N LYS A 97 10.20 -4.31 23.53
CA LYS A 97 11.61 -4.25 23.89
C LYS A 97 11.75 -4.42 25.40
N PRO A 98 12.44 -5.48 25.86
CA PRO A 98 12.53 -5.71 27.32
C PRO A 98 13.06 -4.55 28.14
N GLU A 99 14.01 -3.76 27.58
CA GLU A 99 14.59 -2.60 28.29
C GLU A 99 13.78 -1.33 28.12
N ASN A 100 12.87 -1.29 27.14
CA ASN A 100 12.02 -0.16 26.80
C ASN A 100 10.64 -0.67 26.38
N ARG A 101 9.82 -1.02 27.38
CA ARG A 101 8.48 -1.62 27.20
C ARG A 101 7.50 -0.78 26.35
N ARG A 102 7.74 0.52 26.14
CA ARG A 102 6.86 1.31 25.30
C ARG A 102 7.06 0.95 23.77
N VAL A 103 8.27 0.49 23.40
CA VAL A 103 8.64 0.17 22.03
C VAL A 103 8.25 -1.28 21.68
N VAL A 104 7.51 -1.43 20.59
CA VAL A 104 7.06 -2.69 20.06
C VAL A 104 7.70 -2.87 18.68
N GLU A 105 8.59 -3.86 18.54
CA GLU A 105 9.20 -4.21 17.27
C GLU A 105 8.31 -5.23 16.61
N VAL A 106 8.11 -5.10 15.30
CA VAL A 106 7.24 -5.98 14.53
C VAL A 106 8.07 -6.59 13.42
N ALA A 107 8.00 -7.92 13.23
CA ALA A 107 8.67 -8.63 12.17
C ALA A 107 7.65 -9.47 11.38
N LEU A 108 7.99 -9.79 10.16
CA LEU A 108 7.15 -10.69 9.37
C LEU A 108 7.30 -12.11 9.90
N THR A 109 6.27 -12.93 9.75
CA THR A 109 6.27 -14.38 10.07
C THR A 109 6.38 -15.15 8.77
N ASP A 110 6.46 -16.47 8.84
CA ASP A 110 6.46 -17.27 7.61
C ASP A 110 5.18 -17.09 6.83
N ALA A 111 4.04 -16.95 7.53
CA ALA A 111 2.76 -16.80 6.86
C ALA A 111 2.62 -15.43 6.25
N GLY A 112 3.29 -14.39 6.76
CA GLY A 112 3.31 -13.09 6.10
C GLY A 112 4.17 -13.11 4.85
N LEU A 113 5.28 -13.88 4.89
CA LEU A 113 6.13 -14.06 3.71
C LEU A 113 5.32 -14.81 2.62
N LYS A 114 4.64 -15.88 3.02
CA LYS A 114 3.83 -16.65 2.08
C LYS A 114 2.76 -15.74 1.47
N LEU A 115 2.12 -14.92 2.29
CA LEU A 115 1.07 -14.07 1.74
C LEU A 115 1.63 -13.12 0.69
N LEU A 116 2.77 -12.55 0.96
CA LEU A 116 3.43 -11.65 -0.02
C LEU A 116 3.83 -12.45 -1.30
N LYS A 117 4.26 -13.72 -1.20
CA LYS A 117 4.58 -14.50 -2.42
C LYS A 117 3.30 -14.78 -3.21
N ASP A 118 2.17 -15.07 -2.52
CA ASP A 118 0.87 -15.27 -3.20
C ASP A 118 0.32 -14.01 -3.82
N LEU A 119 0.74 -12.87 -3.34
CA LEU A 119 0.28 -11.59 -3.86
C LEU A 119 1.11 -11.05 -5.02
N GLU A 120 2.28 -11.61 -5.30
CA GLU A 120 3.14 -11.07 -6.36
C GLU A 120 2.45 -10.99 -7.70
N GLU A 121 1.80 -12.06 -8.13
CA GLU A 121 1.09 -12.11 -9.43
C GLU A 121 -0.18 -11.22 -9.46
N PRO A 122 -1.10 -11.35 -8.49
CA PRO A 122 -2.27 -10.44 -8.47
C PRO A 122 -1.92 -8.94 -8.45
N VAL A 123 -0.87 -8.56 -7.74
CA VAL A 123 -0.43 -7.15 -7.63
C VAL A 123 0.20 -6.69 -8.92
N ARG A 124 1.02 -7.55 -9.58
CA ARG A 124 1.59 -7.16 -10.84
C ARG A 124 0.45 -6.96 -11.86
N GLN A 125 -0.58 -7.85 -11.85
CA GLN A 125 -1.72 -7.68 -12.76
C GLN A 125 -2.49 -6.44 -12.41
N CYS A 126 -2.62 -6.15 -11.14
CA CYS A 126 -3.24 -4.94 -10.69
C CYS A 126 -2.47 -3.69 -11.25
N HIS A 127 -1.13 -3.71 -11.30
CA HIS A 127 -0.35 -2.59 -11.83
C HIS A 127 -0.50 -2.50 -13.32
N GLU A 128 -0.63 -3.64 -14.01
CA GLU A 128 -0.90 -3.64 -15.44
C GLU A 128 -2.31 -3.03 -15.74
N ARG A 129 -3.34 -3.38 -14.91
CA ARG A 129 -4.70 -2.84 -15.13
C ARG A 129 -4.73 -1.36 -14.85
N GLN A 130 -3.94 -0.90 -13.89
CA GLN A 130 -3.85 0.54 -13.56
C GLN A 130 -3.33 1.32 -14.71
N LEU A 131 -2.21 0.86 -15.29
CA LEU A 131 -1.54 1.52 -16.40
C LEU A 131 -2.41 1.54 -17.65
N GLY A 132 -3.09 0.44 -17.90
CA GLY A 132 -4.04 0.35 -18.99
C GLY A 132 -5.19 1.32 -18.88
N HIS A 133 -5.86 1.30 -17.75
CA HIS A 133 -6.97 2.23 -17.52
C HIS A 133 -6.51 3.67 -17.49
N LEU A 134 -5.34 3.98 -16.92
CA LEU A 134 -4.86 5.36 -16.94
C LEU A 134 -4.66 5.86 -18.34
N ALA A 135 -4.08 5.04 -19.19
CA ALA A 135 -3.78 5.43 -20.56
C ALA A 135 -5.10 5.61 -21.36
N ALA A 136 -6.08 4.75 -21.13
CA ALA A 136 -7.39 4.94 -21.77
C ALA A 136 -8.05 6.20 -21.28
N ASP A 137 -8.07 6.43 -20.01
CA ASP A 137 -8.74 7.66 -19.49
C ASP A 137 -8.11 8.95 -20.14
N GLU A 138 -6.77 8.96 -20.22
CA GLU A 138 -6.03 10.06 -20.79
C GLU A 138 -6.28 10.21 -22.29
N LEU A 139 -6.37 9.10 -22.98
CA LEU A 139 -6.67 9.12 -24.40
C LEU A 139 -8.12 9.60 -24.65
N HIS A 140 -9.06 9.28 -23.76
CA HIS A 140 -10.44 9.82 -23.91
C HIS A 140 -10.45 11.33 -23.83
N GLU A 141 -9.70 11.89 -22.90
CA GLU A 141 -9.61 13.35 -22.74
C GLU A 141 -8.86 13.96 -23.93
N LEU A 142 -7.79 13.29 -24.42
CA LEU A 142 -7.04 13.79 -25.58
C LEU A 142 -7.93 13.84 -26.82
N ILE A 143 -8.65 12.74 -27.10
CA ILE A 143 -9.61 12.71 -28.23
C ILE A 143 -10.62 13.87 -28.07
N ARG A 144 -11.15 14.09 -26.87
CA ARG A 144 -12.12 15.18 -26.63
C ARG A 144 -11.50 16.54 -26.93
N LEU A 145 -10.28 16.78 -26.47
CA LEU A 145 -9.65 18.08 -26.74
C LEU A 145 -9.36 18.30 -28.21
N GLU A 147 -10.95 17.08 -30.70
CA GLU A 147 -12.18 17.18 -31.45
C GLU A 147 -13.00 18.38 -31.07
N LEU A 148 -12.68 19.13 -30.02
CA LEU A 148 -13.40 20.39 -29.78
C LEU A 148 -12.69 21.45 -30.64
N ALA A 149 -11.38 21.24 -30.91
CA ALA A 149 -10.55 22.11 -31.76
C ALA A 149 -10.77 21.73 -33.26
#